data_2AGG
#
_entry.id   2AGG
#
_cell.length_a   61.388
_cell.length_b   63.588
_cell.length_c   68.849
_cell.angle_alpha   90.00
_cell.angle_beta   90.00
_cell.angle_gamma   90.00
#
_symmetry.space_group_name_H-M   'P 21 21 21'
#
loop_
_entity.id
_entity.type
_entity.pdbx_description
1 polymer 'Cationic trypsin'
2 polymer succinyl-Ala-Ala-Pro-Lys
3 non-polymer 'SULFATE ION'
4 non-polymer 'CALCIUM ION'
5 water water
#
loop_
_entity_poly.entity_id
_entity_poly.type
_entity_poly.pdbx_seq_one_letter_code
_entity_poly.pdbx_strand_id
1 'polypeptide(L)'
;IVGGYTCGANTVPYQVSLNSGYHFCGGSLINSQWVVSAAHCYKSGIQVRLGEDNINVVEGNEQFISASKSIVHPSYNSNT
LNNDIMLIKLKSAASLNSRVASISLPTSCASAGTQCLISGWGNTKSSGTSYPDVLKCLKAPILSDSSCKSAYPGQITSNM
FCAGYLEGGKDSCQGDSGGPVVCSGKLQGIVSWGSGCAQKNKPGVYTKVCNYVSWIKQTIASN
;
X
2 'polypeptide(L)' (X5P)AP(LYJ) A
#
loop_
_chem_comp.id
_chem_comp.type
_chem_comp.name
_chem_comp.formula
CA non-polymer 'CALCIUM ION' 'Ca 2'
LYJ non-polymer (2S)-2,6-diaminohexan-1-ol 'C6 H16 N2 O'
SO4 non-polymer 'SULFATE ION' 'O4 S -2'
#
# COMPACT_ATOMS: atom_id res chain seq x y z
N ILE A 1 -6.00 9.10 0.33
CA ILE A 1 -6.74 8.77 1.60
C ILE A 1 -7.88 9.76 1.77
N VAL A 2 -9.10 9.26 1.86
CA VAL A 2 -10.29 10.06 2.12
C VAL A 2 -10.69 9.89 3.57
N GLY A 3 -10.93 11.03 4.21
CA GLY A 3 -11.37 11.05 5.58
C GLY A 3 -10.32 10.71 6.62
N GLY A 4 -9.05 10.83 6.22
CA GLY A 4 -7.94 10.60 7.12
C GLY A 4 -7.42 11.91 7.69
N TYR A 5 -6.16 11.85 8.12
CA TYR A 5 -5.51 12.92 8.83
C TYR A 5 -4.04 13.01 8.42
N THR A 6 -3.46 14.18 8.62
CA THR A 6 -2.04 14.34 8.33
C THR A 6 -1.22 13.52 9.33
N CYS A 7 -0.41 12.59 8.83
CA CYS A 7 0.28 11.67 9.68
C CYS A 7 1.25 12.40 10.59
N GLY A 8 2.00 13.35 10.02
CA GLY A 8 3.14 13.95 10.67
C GLY A 8 4.38 13.47 10.01
N ALA A 9 5.32 14.37 9.79
CA ALA A 9 6.51 14.06 9.00
C ALA A 9 7.26 12.87 9.54
N ASN A 10 7.48 11.91 8.65
CA ASN A 10 8.28 10.74 8.97
C ASN A 10 7.77 9.82 10.08
N THR A 11 6.50 9.95 10.42
CA THR A 11 5.88 9.07 11.40
C THR A 11 5.47 7.71 10.86
N VAL A 12 5.62 7.49 9.56
CA VAL A 12 5.34 6.22 8.91
C VAL A 12 6.63 5.91 8.10
N PRO A 13 7.69 5.53 8.80
CA PRO A 13 9.01 5.58 8.18
C PRO A 13 9.27 4.50 7.11
N TYR A 14 8.38 3.52 7.02
CA TYR A 14 8.37 2.50 6.02
C TYR A 14 7.62 2.85 4.78
N GLN A 15 6.90 3.97 4.74
CA GLN A 15 6.11 4.38 3.59
C GLN A 15 7.06 4.95 2.55
N VAL A 16 6.91 4.45 1.32
CA VAL A 16 7.63 5.02 0.20
C VAL A 16 6.67 5.53 -0.85
N SER A 17 7.16 6.48 -1.66
CA SER A 17 6.47 6.97 -2.85
C SER A 17 7.17 6.41 -4.04
N LEU A 18 6.43 5.84 -4.97
CA LEU A 18 6.99 5.43 -6.26
C LEU A 18 6.75 6.58 -7.23
N ASN A 19 7.84 6.98 -7.89
CA ASN A 19 7.82 8.25 -8.69
C ASN A 19 8.34 7.93 -10.09
N SER A 20 7.55 8.51 -11.05
CA SER A 20 7.99 8.41 -12.47
C SER A 20 7.91 9.80 -13.07
N GLY A 21 8.52 10.78 -12.41
CA GLY A 21 8.23 12.16 -12.73
C GLY A 21 7.02 12.76 -12.07
N TYR A 22 6.39 11.95 -11.23
CA TYR A 22 5.22 12.29 -10.46
C TYR A 22 5.00 11.08 -9.52
N HIS A 23 4.30 11.35 -8.43
CA HIS A 23 3.92 10.25 -7.51
C HIS A 23 2.82 9.46 -8.18
N PHE A 24 2.99 8.14 -8.25
CA PHE A 24 1.97 7.29 -8.85
C PHE A 24 1.48 6.13 -8.00
N CYS A 25 2.21 5.78 -6.94
CA CYS A 25 1.80 4.62 -6.12
C CYS A 25 2.60 4.71 -4.85
N GLY A 26 2.12 4.02 -3.82
CA GLY A 26 2.88 3.82 -2.61
C GLY A 26 3.60 2.48 -2.60
N GLY A 27 4.32 2.26 -1.52
CA GLY A 27 4.98 1.00 -1.24
C GLY A 27 5.48 1.02 0.16
N SER A 28 5.99 -0.12 0.61
CA SER A 28 6.49 -0.35 1.95
C SER A 28 7.88 -0.92 1.94
N LEU A 29 8.80 -0.31 2.68
CA LEU A 29 10.18 -0.78 2.79
C LEU A 29 10.19 -1.99 3.72
N ILE A 30 10.72 -3.15 3.25
CA ILE A 30 10.77 -4.32 4.10
C ILE A 30 12.18 -4.74 4.52
N ASN A 31 13.20 -4.22 3.86
CA ASN A 31 14.59 -4.28 4.28
C ASN A 31 15.32 -3.20 3.53
N SER A 32 16.62 -3.05 3.73
CA SER A 32 17.31 -1.90 3.17
C SER A 32 17.34 -1.92 1.65
N GLN A 33 17.05 -3.06 1.02
CA GLN A 33 17.10 -3.12 -0.45
C GLN A 33 15.81 -3.49 -1.15
N TRP A 34 14.72 -3.68 -0.42
CA TRP A 34 13.50 -4.19 -1.05
C TRP A 34 12.22 -3.51 -0.55
N VAL A 35 11.33 -3.25 -1.50
CA VAL A 35 10.05 -2.61 -1.25
C VAL A 35 8.96 -3.54 -1.74
N VAL A 36 7.87 -3.64 -1.00
CA VAL A 36 6.65 -4.32 -1.42
C VAL A 36 5.63 -3.31 -1.89
N SER A 37 5.04 -3.55 -3.04
CA SER A 37 3.99 -2.70 -3.61
C SER A 37 2.96 -3.57 -4.29
N ALA A 38 2.11 -2.98 -5.09
CA ALA A 38 1.05 -3.68 -5.82
C ALA A 38 1.55 -3.97 -7.25
N ALA A 39 1.24 -5.18 -7.73
CA ALA A 39 1.53 -5.54 -9.13
C ALA A 39 0.97 -4.54 -10.12
N HIS A 40 -0.20 -3.97 -9.82
CA HIS A 40 -0.85 -3.04 -10.76
C HIS A 40 -0.07 -1.73 -10.88
N CYS A 41 0.85 -1.48 -9.97
CA CYS A 41 1.75 -0.33 -10.02
C CYS A 41 2.95 -0.51 -10.94
N TYR A 42 3.17 -1.72 -11.47
CA TYR A 42 4.36 -1.96 -12.30
C TYR A 42 4.41 -1.01 -13.48
N LYS A 43 5.60 -0.48 -13.70
CA LYS A 43 5.97 0.21 -14.94
C LYS A 43 7.47 0.27 -14.98
N SER A 44 8.01 0.63 -16.13
CA SER A 44 9.41 1.02 -16.27
C SER A 44 9.69 2.35 -15.59
N GLY A 45 10.95 2.59 -15.26
CA GLY A 45 11.37 3.90 -14.83
C GLY A 45 10.94 4.32 -13.45
N ILE A 46 10.89 3.38 -12.54
CA ILE A 46 10.50 3.70 -11.16
C ILE A 46 11.69 4.21 -10.34
N GLN A 47 11.45 5.34 -9.69
CA GLN A 47 12.34 5.84 -8.66
C GLN A 47 11.63 5.73 -7.33
N VAL A 48 12.27 5.09 -6.37
CA VAL A 48 11.69 4.96 -5.04
C VAL A 48 12.14 6.16 -4.20
N ARG A 49 11.19 6.80 -3.57
CA ARG A 49 11.43 7.96 -2.75
C ARG A 49 11.10 7.61 -1.30
N LEU A 50 12.14 7.55 -0.49
CA LEU A 50 12.08 7.20 0.92
C LEU A 50 12.22 8.44 1.74
N GLY A 51 11.71 8.42 3.03
CA GLY A 51 11.87 9.56 3.91
C GLY A 51 11.04 10.77 3.54
N GLU A 52 10.03 10.57 2.70
CA GLU A 52 9.19 11.67 2.21
C GLU A 52 8.12 12.05 3.17
N ASP A 53 7.84 13.36 3.20
CA ASP A 53 6.59 13.86 3.76
C ASP A 53 5.86 14.70 2.74
N ASN A 54 6.31 15.91 2.48
CA ASN A 54 5.82 16.69 1.37
C ASN A 54 6.46 16.20 0.10
N ILE A 55 5.67 15.58 -0.78
CA ILE A 55 6.28 14.98 -1.98
C ILE A 55 6.60 15.99 -3.06
N ASN A 56 6.26 17.25 -2.82
CA ASN A 56 6.48 18.36 -3.78
C ASN A 56 7.61 19.28 -3.39
N VAL A 57 8.22 19.05 -2.23
CA VAL A 57 9.27 19.92 -1.68
C VAL A 57 10.38 19.08 -1.07
N VAL A 58 11.64 19.42 -1.39
CA VAL A 58 12.79 18.75 -0.80
C VAL A 58 12.98 19.36 0.59
N GLU A 59 12.73 18.57 1.63
CA GLU A 59 12.69 19.05 3.01
C GLU A 59 13.81 18.58 3.88
N GLY A 60 14.53 17.56 3.45
CA GLY A 60 15.49 16.90 4.32
C GLY A 60 14.95 15.52 4.59
N ASN A 61 15.85 14.60 4.82
CA ASN A 61 15.53 13.20 5.10
C ASN A 61 15.15 12.31 3.95
N GLU A 62 15.04 12.85 2.74
CA GLU A 62 14.69 12.09 1.59
C GLU A 62 15.88 11.26 1.08
N GLN A 63 15.58 10.07 0.56
CA GLN A 63 16.51 9.29 -0.23
C GLN A 63 15.79 8.88 -1.49
N PHE A 64 16.32 9.22 -2.66
CA PHE A 64 15.79 8.82 -3.94
C PHE A 64 16.69 7.74 -4.48
N ILE A 65 16.13 6.57 -4.76
CA ILE A 65 16.87 5.41 -5.23
C ILE A 65 16.13 4.75 -6.38
N SER A 66 16.80 4.54 -7.51
CA SER A 66 16.16 3.90 -8.65
C SER A 66 15.84 2.45 -8.30
N ALA A 67 14.75 1.95 -8.85
CA ALA A 67 14.47 0.52 -8.84
C ALA A 67 15.48 -0.14 -9.76
N SER A 68 16.07 -1.23 -9.31
CA SER A 68 16.89 -2.07 -10.19
C SER A 68 16.18 -3.35 -10.66
N LYS A 69 15.19 -3.84 -9.90
CA LYS A 69 14.35 -4.92 -10.32
C LYS A 69 12.93 -4.59 -9.90
N SER A 70 11.94 -4.93 -10.72
CA SER A 70 10.52 -4.84 -10.37
C SER A 70 9.89 -6.17 -10.71
N ILE A 71 9.52 -6.94 -9.72
CA ILE A 71 9.09 -8.32 -9.88
C ILE A 71 7.61 -8.47 -9.51
N VAL A 72 6.77 -8.55 -10.53
CA VAL A 72 5.34 -8.75 -10.35
C VAL A 72 5.14 -10.21 -10.00
N HIS A 73 4.18 -10.51 -9.16
CA HIS A 73 3.88 -11.89 -8.89
C HIS A 73 3.51 -12.61 -10.20
N PRO A 74 4.09 -13.78 -10.47
CA PRO A 74 3.78 -14.42 -11.73
C PRO A 74 2.33 -14.73 -11.98
N SER A 75 1.55 -14.87 -10.92
CA SER A 75 0.15 -15.19 -11.05
C SER A 75 -0.81 -13.99 -10.93
N TYR A 76 -0.25 -12.80 -10.99
CA TYR A 76 -1.03 -11.57 -11.02
C TYR A 76 -1.94 -11.57 -12.24
N ASN A 77 -3.23 -11.32 -11.97
CA ASN A 77 -4.26 -11.19 -12.99
C ASN A 77 -4.73 -9.75 -13.04
N SER A 78 -4.49 -9.07 -14.16
CA SER A 78 -4.80 -7.66 -14.27
C SER A 78 -6.28 -7.32 -14.36
N ASN A 79 -7.11 -8.34 -14.59
CA ASN A 79 -8.55 -8.14 -14.63
C ASN A 79 -9.21 -8.36 -13.32
N THR A 80 -8.77 -9.35 -12.52
CA THR A 80 -9.38 -9.59 -11.22
C THR A 80 -8.59 -8.97 -10.05
N LEU A 81 -7.37 -8.58 -10.33
CA LEU A 81 -6.42 -8.12 -9.33
C LEU A 81 -6.01 -9.17 -8.32
C LEU A 81 -6.08 -9.16 -8.28
N ASN A 82 -6.28 -10.44 -8.62
CA ASN A 82 -5.73 -11.51 -7.77
C ASN A 82 -4.20 -11.47 -7.82
N ASN A 83 -3.57 -11.68 -6.68
CA ASN A 83 -2.12 -11.68 -6.57
C ASN A 83 -1.53 -10.30 -6.90
N ASP A 84 -2.16 -9.26 -6.36
CA ASP A 84 -1.76 -7.87 -6.64
C ASP A 84 -0.63 -7.49 -5.70
N ILE A 85 0.57 -8.01 -6.00
CA ILE A 85 1.77 -7.80 -5.21
C ILE A 85 2.99 -7.79 -6.13
N MET A 86 3.92 -6.89 -5.82
CA MET A 86 5.19 -6.72 -6.54
C MET A 86 6.28 -6.45 -5.55
N LEU A 87 7.47 -6.93 -5.86
CA LEU A 87 8.68 -6.61 -5.14
C LEU A 87 9.57 -5.72 -6.00
N ILE A 88 10.10 -4.68 -5.41
CA ILE A 88 11.05 -3.79 -6.01
C ILE A 88 12.36 -3.86 -5.28
N LYS A 89 13.42 -4.18 -6.01
CA LYS A 89 14.77 -4.08 -5.46
C LYS A 89 15.36 -2.75 -5.79
N LEU A 90 15.97 -2.15 -4.79
CA LEU A 90 16.64 -0.87 -4.92
C LEU A 90 18.03 -1.04 -5.50
N LYS A 91 18.41 -0.10 -6.34
CA LYS A 91 19.73 -0.16 -7.01
C LYS A 91 20.89 -0.15 -6.02
N SER A 92 20.71 0.60 -4.92
CA SER A 92 21.61 0.64 -3.79
C SER A 92 20.79 0.54 -2.53
N ALA A 93 21.40 0.07 -1.44
CA ALA A 93 20.70 0.00 -0.16
C ALA A 93 20.35 1.37 0.37
N ALA A 94 19.14 1.47 0.92
CA ALA A 94 18.75 2.64 1.65
C ALA A 94 19.55 2.68 2.93
N SER A 95 19.79 3.89 3.42
CA SER A 95 20.40 4.13 4.71
C SER A 95 19.31 4.16 5.73
N LEU A 96 19.29 3.21 6.63
CA LEU A 96 18.19 3.12 7.57
C LEU A 96 18.48 4.00 8.79
N ASN A 97 17.45 4.63 9.29
CA ASN A 97 17.50 5.59 10.37
C ASN A 97 16.11 5.72 10.94
N SER A 98 15.90 6.66 11.85
CA SER A 98 14.56 6.74 12.46
C SER A 98 13.44 7.14 11.50
N ARG A 99 13.81 7.82 10.43
CA ARG A 99 12.85 8.32 9.46
C ARG A 99 12.69 7.41 8.20
N VAL A 100 13.60 6.43 8.06
CA VAL A 100 13.63 5.49 6.97
C VAL A 100 13.88 4.13 7.59
N ALA A 101 12.82 3.34 7.68
CA ALA A 101 12.84 2.13 8.46
C ALA A 101 11.96 1.08 7.81
N SER A 102 12.38 -0.17 7.96
CA SER A 102 11.58 -1.27 7.46
C SER A 102 10.40 -1.59 8.34
N ILE A 103 9.42 -2.25 7.72
CA ILE A 103 8.29 -2.81 8.42
C ILE A 103 8.34 -4.32 8.36
N SER A 104 8.05 -4.96 9.48
CA SER A 104 8.04 -6.40 9.58
C SER A 104 6.95 -7.05 8.75
N LEU A 105 7.23 -8.23 8.16
CA LEU A 105 6.18 -9.02 7.52
C LEU A 105 5.43 -9.82 8.58
N PRO A 106 4.21 -10.22 8.27
CA PRO A 106 3.42 -11.04 9.21
C PRO A 106 4.05 -12.38 9.46
N THR A 107 3.82 -12.91 10.66
CA THR A 107 4.07 -14.30 10.90
C THR A 107 2.79 -15.12 10.87
N SER A 108 1.54 -14.44 11.03
CA SER A 108 0.25 -15.06 10.80
C SER A 108 -0.67 -13.98 10.29
N CYS A 109 -1.79 -14.40 9.74
CA CYS A 109 -2.78 -13.52 9.20
C CYS A 109 -3.51 -12.80 10.32
N ALA A 110 -4.07 -11.64 10.00
CA ALA A 110 -4.79 -10.85 10.96
C ALA A 110 -6.26 -11.22 10.93
N SER A 111 -6.93 -11.02 12.04
CA SER A 111 -8.32 -11.39 12.21
C SER A 111 -9.22 -10.18 11.89
N ALA A 112 -10.56 -10.40 11.55
CA ALA A 112 -11.60 -9.41 11.50
C ALA A 112 -11.58 -8.61 12.79
N GLY A 113 -11.68 -7.29 12.62
CA GLY A 113 -11.73 -6.35 13.70
C GLY A 113 -10.42 -5.76 14.11
N THR A 114 -9.34 -6.32 13.59
CA THR A 114 -8.01 -5.79 13.89
C THR A 114 -7.87 -4.41 13.29
N GLN A 115 -7.40 -3.44 14.08
CA GLN A 115 -7.26 -2.06 13.63
C GLN A 115 -5.91 -1.91 12.97
N CYS A 116 -5.91 -1.18 11.86
CA CYS A 116 -4.69 -1.03 11.07
C CYS A 116 -4.51 0.43 10.70
N LEU A 117 -3.31 0.76 10.27
CA LEU A 117 -2.95 2.09 9.77
C LEU A 117 -2.72 1.98 8.28
N ILE A 118 -3.46 2.78 7.51
CA ILE A 118 -3.34 2.80 6.05
C ILE A 118 -2.88 4.23 5.70
N SER A 119 -1.92 4.37 4.78
CA SER A 119 -1.34 5.64 4.52
C SER A 119 -1.01 5.83 3.06
N GLY A 120 -0.93 7.08 2.64
CA GLY A 120 -0.62 7.41 1.26
C GLY A 120 -0.79 8.87 0.90
N TRP A 121 -0.38 9.14 -0.34
CA TRP A 121 -0.51 10.45 -0.95
C TRP A 121 -1.58 10.47 -2.05
N GLY A 122 -2.54 9.55 -1.97
CA GLY A 122 -3.60 9.51 -2.96
C GLY A 122 -4.67 10.55 -2.76
N ASN A 123 -5.65 10.46 -3.63
CA ASN A 123 -6.80 11.39 -3.65
C ASN A 123 -7.45 11.45 -2.26
N THR A 124 -7.83 12.65 -1.83
CA THR A 124 -8.50 12.87 -0.57
C THR A 124 -10.01 13.15 -0.70
N LYS A 125 -10.53 13.08 -1.93
CA LYS A 125 -11.96 13.28 -2.16
C LYS A 125 -12.66 12.05 -2.69
N SER A 126 -13.88 11.78 -2.20
CA SER A 126 -14.72 10.66 -2.64
C SER A 126 -15.42 10.98 -3.97
N SER A 127 -15.51 12.27 -4.27
CA SER A 127 -16.07 12.75 -5.53
C SER A 127 -15.12 13.86 -6.02
N GLY A 128 -14.62 13.71 -7.22
CA GLY A 128 -13.66 14.66 -7.75
C GLY A 128 -12.28 14.31 -7.21
N THR A 129 -11.36 15.27 -7.31
CA THR A 129 -9.96 15.00 -7.01
C THR A 129 -9.25 16.13 -6.29
N SER A 130 -8.46 15.74 -5.30
CA SER A 130 -7.53 16.61 -4.61
C SER A 130 -6.39 15.76 -4.10
N TYR A 131 -5.17 16.06 -4.52
CA TYR A 131 -3.99 15.30 -4.14
C TYR A 131 -3.21 16.12 -3.11
N PRO A 132 -2.85 15.51 -1.98
CA PRO A 132 -2.21 16.23 -0.89
C PRO A 132 -0.73 16.39 -1.13
N ASP A 133 -0.14 17.36 -0.49
CA ASP A 133 1.30 17.48 -0.47
C ASP A 133 1.92 16.49 0.51
N VAL A 134 1.33 16.41 1.68
CA VAL A 134 1.88 15.62 2.78
C VAL A 134 1.18 14.29 2.96
N LEU A 135 1.85 13.38 3.66
CA LEU A 135 1.31 12.04 3.80
C LEU A 135 0.09 12.04 4.69
N LYS A 136 -0.90 11.26 4.27
CA LYS A 136 -2.14 11.12 5.02
C LYS A 136 -2.26 9.70 5.55
N CYS A 137 -2.99 9.59 6.63
CA CYS A 137 -3.12 8.39 7.41
C CYS A 137 -4.61 8.12 7.72
N LEU A 138 -4.95 6.87 7.91
CA LEU A 138 -6.31 6.45 8.29
C LEU A 138 -6.21 5.21 9.12
N LYS A 139 -6.88 5.23 10.26
CA LYS A 139 -7.03 4.04 11.07
C LYS A 139 -8.29 3.34 10.60
N ALA A 140 -8.22 2.04 10.32
CA ALA A 140 -9.32 1.27 9.75
C ALA A 140 -9.26 -0.15 10.20
N PRO A 141 -10.41 -0.77 10.48
CA PRO A 141 -10.44 -2.18 10.81
C PRO A 141 -10.58 -3.10 9.62
N ILE A 142 -10.03 -4.29 9.78
CA ILE A 142 -10.25 -5.40 8.86
C ILE A 142 -11.69 -5.88 9.01
N LEU A 143 -12.39 -6.08 7.91
CA LEU A 143 -13.74 -6.55 7.96
C LEU A 143 -13.84 -8.06 7.89
N SER A 144 -14.97 -8.61 8.31
CA SER A 144 -15.17 -10.05 8.21
C SER A 144 -15.19 -10.48 6.73
N ASP A 145 -14.82 -11.73 6.49
CA ASP A 145 -14.86 -12.23 5.14
C ASP A 145 -16.29 -12.21 4.61
N SER A 146 -17.30 -12.49 5.46
CA SER A 146 -18.68 -12.45 4.98
C SER A 146 -19.09 -11.06 4.53
N SER A 147 -18.74 -10.04 5.32
CA SER A 147 -19.06 -8.69 4.94
C SER A 147 -18.35 -8.28 3.67
N CYS A 148 -17.11 -8.71 3.52
CA CYS A 148 -16.33 -8.38 2.33
C CYS A 148 -16.96 -8.99 1.07
N LYS A 149 -17.34 -10.28 1.17
CA LYS A 149 -17.98 -10.94 0.03
C LYS A 149 -19.36 -10.42 -0.26
N SER A 150 -20.09 -9.98 0.75
CA SER A 150 -21.38 -9.34 0.52
C SER A 150 -21.27 -8.03 -0.23
N ALA A 151 -20.18 -7.29 0.05
CA ALA A 151 -19.97 -6.04 -0.59
C ALA A 151 -19.48 -6.24 -2.06
N TYR A 152 -18.73 -7.30 -2.28
CA TYR A 152 -18.08 -7.58 -3.56
C TYR A 152 -18.31 -9.01 -4.03
N PRO A 153 -19.56 -9.40 -4.29
CA PRO A 153 -19.86 -10.78 -4.62
C PRO A 153 -19.13 -11.20 -5.88
N GLY A 154 -18.53 -12.38 -5.82
CA GLY A 154 -17.81 -12.95 -6.95
C GLY A 154 -16.44 -12.34 -7.22
N GLN A 155 -15.99 -11.40 -6.40
CA GLN A 155 -14.76 -10.66 -6.71
C GLN A 155 -13.67 -10.79 -5.66
N ILE A 156 -13.92 -11.38 -4.51
CA ILE A 156 -12.95 -11.48 -3.45
C ILE A 156 -12.34 -12.88 -3.43
N THR A 157 -11.05 -12.94 -3.66
CA THR A 157 -10.32 -14.17 -3.62
C THR A 157 -9.72 -14.38 -2.26
N SER A 158 -9.13 -15.55 -2.05
CA SER A 158 -8.43 -15.87 -0.81
C SER A 158 -7.23 -14.96 -0.55
N ASN A 159 -6.83 -14.21 -1.58
CA ASN A 159 -5.66 -13.34 -1.47
C ASN A 159 -6.04 -11.89 -1.27
N MET A 160 -7.28 -11.65 -0.85
CA MET A 160 -7.78 -10.32 -0.61
C MET A 160 -8.49 -10.24 0.72
N PHE A 161 -8.52 -9.05 1.27
CA PHE A 161 -9.41 -8.74 2.39
C PHE A 161 -9.94 -7.32 2.25
N CYS A 162 -11.02 -7.06 2.96
CA CYS A 162 -11.61 -5.74 3.01
C CYS A 162 -11.23 -5.05 4.32
N ALA A 163 -11.03 -3.74 4.27
CA ALA A 163 -10.83 -2.96 5.48
C ALA A 163 -11.45 -1.62 5.30
N GLY A 164 -11.85 -0.99 6.40
CA GLY A 164 -12.50 0.28 6.33
C GLY A 164 -13.85 0.36 6.98
N TYR A 165 -14.76 1.07 6.28
CA TYR A 165 -16.01 1.57 6.85
C TYR A 165 -17.15 1.50 5.90
N LEU A 166 -18.22 0.84 6.26
CA LEU A 166 -19.37 0.65 5.37
C LEU A 166 -20.26 1.88 5.28
N GLU A 167 -20.13 2.80 6.23
CA GLU A 167 -20.92 4.02 6.28
C GLU A 167 -20.46 5.11 5.35
N GLY A 168 -19.32 4.93 4.72
CA GLY A 168 -18.81 5.92 3.81
C GLY A 168 -17.93 6.96 4.50
N GLY A 169 -17.09 7.62 3.70
CA GLY A 169 -16.36 8.78 4.14
C GLY A 169 -14.93 8.54 4.50
N LYS A 170 -14.52 7.28 4.64
CA LYS A 170 -13.14 6.95 5.08
C LYS A 170 -12.59 5.76 4.30
N ASP A 171 -11.52 5.95 3.52
CA ASP A 171 -11.01 4.90 2.66
C ASP A 171 -9.67 5.30 2.07
N SER A 172 -8.96 4.32 1.50
CA SER A 172 -7.88 4.60 0.55
C SER A 172 -8.46 4.93 -0.79
N CYS A 173 -7.63 5.54 -1.65
CA CYS A 173 -8.14 5.99 -2.95
C CYS A 173 -7.04 5.94 -4.01
N GLN A 174 -7.35 6.37 -5.21
CA GLN A 174 -6.40 6.36 -6.30
C GLN A 174 -5.16 7.16 -5.85
N GLY A 175 -4.00 6.62 -6.15
CA GLY A 175 -2.73 7.18 -5.68
C GLY A 175 -2.20 6.56 -4.41
N ASP A 176 -3.07 5.83 -3.70
CA ASP A 176 -2.64 5.05 -2.52
C ASP A 176 -2.22 3.65 -2.83
N SER A 177 -2.56 3.18 -4.04
CA SER A 177 -2.31 1.83 -4.43
C SER A 177 -0.85 1.45 -4.21
N GLY A 178 -0.61 0.24 -3.72
CA GLY A 178 0.71 -0.22 -3.43
C GLY A 178 1.18 0.05 -2.04
N GLY A 179 0.52 0.96 -1.35
CA GLY A 179 0.95 1.33 -0.01
C GLY A 179 0.48 0.41 1.07
N PRO A 180 0.90 0.74 2.27
CA PRO A 180 0.77 -0.19 3.39
C PRO A 180 -0.56 -0.19 4.14
N VAL A 181 -0.88 -1.39 4.61
CA VAL A 181 -1.87 -1.60 5.68
C VAL A 181 -1.12 -2.31 6.80
N VAL A 182 -0.85 -1.61 7.91
CA VAL A 182 -0.02 -2.14 8.97
C VAL A 182 -0.90 -2.33 10.19
N CYS A 183 -0.78 -3.52 10.80
CA CYS A 183 -1.65 -3.88 11.92
C CYS A 183 -0.76 -4.51 12.95
N SER A 184 -0.74 -3.96 14.16
CA SER A 184 0.14 -4.45 15.24
C SER A 184 1.57 -4.65 14.77
N GLY A 185 2.04 -3.65 14.03
CA GLY A 185 3.41 -3.60 13.58
C GLY A 185 3.79 -4.53 12.47
N LYS A 186 2.82 -5.14 11.78
CA LYS A 186 3.09 -6.06 10.66
C LYS A 186 2.39 -5.50 9.43
N LEU A 187 3.05 -5.68 8.29
CA LEU A 187 2.45 -5.32 6.99
C LEU A 187 1.50 -6.45 6.58
N GLN A 188 0.22 -6.26 6.84
CA GLN A 188 -0.78 -7.25 6.53
C GLN A 188 -1.46 -6.99 5.17
N GLY A 189 -1.46 -5.77 4.66
CA GLY A 189 -2.15 -5.48 3.41
C GLY A 189 -1.40 -4.52 2.52
N ILE A 190 -1.78 -4.56 1.24
CA ILE A 190 -1.33 -3.65 0.24
C ILE A 190 -2.59 -2.99 -0.34
N VAL A 191 -2.62 -1.66 -0.45
CA VAL A 191 -3.74 -0.97 -1.14
C VAL A 191 -3.91 -1.50 -2.54
N SER A 192 -5.09 -2.01 -2.87
CA SER A 192 -5.28 -2.70 -4.13
C SER A 192 -6.39 -2.11 -4.99
N TRP A 193 -7.65 -2.23 -4.55
CA TRP A 193 -8.76 -1.78 -5.39
C TRP A 193 -10.03 -1.56 -4.57
N GLY A 194 -11.06 -1.04 -5.21
CA GLY A 194 -12.39 -0.97 -4.58
C GLY A 194 -13.34 -0.37 -5.57
N SER A 195 -14.61 -0.31 -5.17
CA SER A 195 -15.59 0.31 -6.04
C SER A 195 -15.70 1.75 -5.69
N GLY A 196 -15.05 2.73 -6.51
CA GLY A 196 -14.86 4.10 -6.07
C GLY A 196 -14.03 4.19 -4.80
N CYS A 197 -14.18 5.28 -4.07
CA CYS A 197 -13.51 5.43 -2.78
C CYS A 197 -14.44 6.04 -1.78
N ALA A 198 -14.46 5.48 -0.58
CA ALA A 198 -15.23 6.03 0.51
C ALA A 198 -16.72 6.07 0.25
N GLN A 199 -17.18 5.18 -0.62
CA GLN A 199 -18.61 5.03 -0.87
C GLN A 199 -19.27 4.12 0.10
N LYS A 200 -20.52 4.43 0.44
CA LYS A 200 -21.29 3.55 1.31
C LYS A 200 -21.31 2.11 0.81
N ASN A 201 -21.10 1.16 1.72
CA ASN A 201 -21.20 -0.27 1.41
C ASN A 201 -20.10 -0.82 0.52
N LYS A 202 -19.06 -0.04 0.26
CA LYS A 202 -18.01 -0.42 -0.68
C LYS A 202 -16.68 -0.11 0.00
N PRO A 203 -16.23 -1.02 0.85
CA PRO A 203 -14.97 -0.79 1.59
C PRO A 203 -13.80 -0.99 0.67
N GLY A 204 -12.63 -0.62 1.12
CA GLY A 204 -11.43 -0.90 0.34
C GLY A 204 -11.09 -2.36 0.33
N VAL A 205 -10.44 -2.83 -0.75
CA VAL A 205 -9.95 -4.16 -0.88
C VAL A 205 -8.42 -4.10 -0.97
N TYR A 206 -7.79 -5.05 -0.27
CA TYR A 206 -6.35 -5.08 0.00
C TYR A 206 -5.76 -6.45 -0.25
N THR A 207 -4.56 -6.48 -0.80
CA THR A 207 -3.85 -7.73 -0.96
C THR A 207 -3.47 -8.31 0.37
N LYS A 208 -3.73 -9.60 0.56
CA LYS A 208 -3.51 -10.28 1.85
C LYS A 208 -2.08 -10.76 1.97
N VAL A 209 -1.20 -9.92 2.54
CA VAL A 209 0.23 -10.14 2.54
C VAL A 209 0.64 -11.43 3.23
N CYS A 210 -0.07 -11.82 4.25
CA CYS A 210 0.32 -13.05 4.99
C CYS A 210 0.37 -14.27 4.09
N ASN A 211 -0.36 -14.27 2.99
CA ASN A 211 -0.30 -15.40 2.04
C ASN A 211 0.97 -15.45 1.19
N TYR A 212 1.74 -14.36 1.20
CA TYR A 212 2.93 -14.20 0.34
C TYR A 212 4.22 -14.14 1.08
N VAL A 213 4.23 -14.38 2.39
CA VAL A 213 5.48 -14.23 3.13
C VAL A 213 6.56 -15.19 2.60
N SER A 214 6.22 -16.47 2.37
CA SER A 214 7.19 -17.40 1.81
C SER A 214 7.63 -17.04 0.38
N TRP A 215 6.71 -16.55 -0.42
CA TRP A 215 7.02 -16.13 -1.79
C TRP A 215 7.98 -14.93 -1.75
N ILE A 216 7.74 -13.98 -0.84
CA ILE A 216 8.61 -12.82 -0.73
C ILE A 216 9.99 -13.24 -0.30
N LYS A 217 10.07 -14.10 0.72
CA LYS A 217 11.38 -14.55 1.18
C LYS A 217 12.19 -15.29 0.12
N GLN A 218 11.54 -16.18 -0.61
CA GLN A 218 12.19 -17.00 -1.65
C GLN A 218 12.63 -16.07 -2.81
N THR A 219 11.79 -15.09 -3.16
CA THR A 219 12.09 -14.19 -4.24
C THR A 219 13.23 -13.27 -3.93
N ILE A 220 13.28 -12.75 -2.72
CA ILE A 220 14.44 -11.97 -2.32
C ILE A 220 15.72 -12.81 -2.29
N ALA A 221 15.64 -14.05 -1.78
CA ALA A 221 16.83 -14.87 -1.61
C ALA A 221 17.44 -15.22 -2.95
N SER A 222 16.60 -15.29 -3.98
CA SER A 222 17.05 -15.67 -5.32
C SER A 222 17.44 -14.49 -6.24
N ASN A 223 17.31 -13.27 -5.74
CA ASN A 223 17.55 -12.05 -6.50
C ASN A 223 18.43 -11.12 -5.74
N X5P B 1 -15.83 -0.90 -9.77
CA X5P B 1 -14.54 -1.44 -9.26
C X5P B 1 -13.37 -0.94 -10.10
O X5P B 1 -13.40 -1.03 -11.32
CB X5P B 1 -14.56 -2.92 -9.27
C4 X5P B 1 -15.74 0.41 -9.64
O3 X5P B 1 -15.05 1.37 -9.33
N ALA B 2 -12.35 -0.45 -9.44
CA ALA B 2 -11.18 0.03 -10.13
C ALA B 2 -9.96 -0.09 -9.21
N PRO B 3 -8.78 -0.26 -9.81
CA PRO B 3 -7.53 -0.24 -9.01
C PRO B 3 -7.29 1.11 -8.34
C LYJ B 4 -4.78 2.59 -6.43
N LYJ B 4 -6.61 1.11 -7.20
O LYJ B 4 -4.36 3.73 -6.23
CA LYJ B 4 -6.28 2.33 -6.49
CB LYJ B 4 -6.73 2.22 -5.06
CD LYJ B 4 -8.47 2.16 -3.49
CE LYJ B 4 -9.87 2.13 -3.18
CG LYJ B 4 -8.21 2.23 -4.94
NZ LYJ B 4 -10.06 1.79 -1.71
S SO4 C . -1.92 19.08 2.32
O1 SO4 C . -0.81 18.17 2.26
O2 SO4 C . -3.07 18.57 3.15
O3 SO4 C . -1.52 20.42 2.76
O4 SO4 C . -2.40 19.23 0.96
CA CA D . 9.92 15.92 0.04
#